data_4LIP
#
_entry.id   4LIP
#
_cell.length_a   84.040
_cell.length_b   46.360
_cell.length_c   85.380
_cell.angle_alpha   90.00
_cell.angle_beta   116.53
_cell.angle_gamma   90.00
#
_symmetry.space_group_name_H-M   'P 1 21 1'
#
loop_
_entity.id
_entity.type
_entity.pdbx_description
1 polymer TRIACYL-GLYCEROL-HYDROLASE
2 non-polymer 'CALCIUM ION'
3 non-polymer BUTYLPHOSPHONATE
4 water water
#
_entity_poly.entity_id   1
_entity_poly.type   'polypeptide(L)'
_entity_poly.pdbx_seq_one_letter_code
;ADNYAATRYPIILVHGLTGTDKYAGVLEYWYGIQEDLQQRGATVYVANLSGFQSDDGPNGRGEQLLAYVKTVLAATGATK
VNLVGHSQGGLTSRYVAAVAPDLVASVTTIGTPHRGSEFADFVQGVLAYDPTGLSSTVIAAFVNVFGILTSSSNNTNQDA
LAALKTLTTAQAATYNQNYPSAGLGAPGSCQTGAPTETVGGNTHLLYSWAGTAIQPTISVFGVTGATDTSTIPLVDPANA
LDPSTLALFGTGTVMVNRGSGQNDGVVSKCSALYGQVLSTSYKWNHLDEINQLLGVRGANAEDPVAVIRTHANRLKLAGV
;
_entity_poly.pdbx_strand_id   D,E
#
# COMPACT_ATOMS: atom_id res chain seq x y z
N ASP A 2 12.73 26.29 17.96
CA ASP A 2 11.87 26.58 16.78
C ASP A 2 10.58 25.75 16.78
N ASN A 3 9.94 25.61 15.62
CA ASN A 3 8.71 24.83 15.50
C ASN A 3 8.84 23.69 14.47
N TYR A 4 10.07 23.26 14.24
CA TYR A 4 10.37 22.19 13.28
C TYR A 4 9.54 20.92 13.52
N ALA A 5 9.32 20.56 14.78
CA ALA A 5 8.55 19.36 15.12
C ALA A 5 7.13 19.66 15.60
N ALA A 6 6.65 20.87 15.37
CA ALA A 6 5.32 21.28 15.83
C ALA A 6 4.17 20.71 15.01
N THR A 7 3.68 19.55 15.41
CA THR A 7 2.58 18.91 14.69
C THR A 7 1.25 19.49 15.17
N ARG A 8 0.23 19.38 14.33
CA ARG A 8 -1.09 19.89 14.67
C ARG A 8 -1.63 19.11 15.88
N TYR A 9 -1.51 17.79 15.83
CA TYR A 9 -2.02 16.92 16.89
C TYR A 9 -0.88 16.45 17.79
N PRO A 10 -1.15 16.29 19.10
CA PRO A 10 -0.09 15.84 20.02
C PRO A 10 0.46 14.47 19.64
N ILE A 11 1.75 14.29 19.86
CA ILE A 11 2.40 13.03 19.59
C ILE A 11 2.43 12.23 20.89
N ILE A 12 1.95 10.98 20.85
CA ILE A 12 2.01 10.09 22.01
C ILE A 12 3.00 8.98 21.64
N LEU A 13 4.10 8.90 22.40
CA LEU A 13 5.13 7.89 22.20
C LEU A 13 4.63 6.69 23.00
N VAL A 14 4.58 5.52 22.36
CA VAL A 14 4.05 4.31 22.97
C VAL A 14 5.10 3.20 23.04
N HIS A 15 5.51 2.85 24.25
CA HIS A 15 6.52 1.82 24.48
C HIS A 15 6.04 0.39 24.22
N GLY A 16 6.99 -0.53 24.10
CA GLY A 16 6.67 -1.93 23.86
C GLY A 16 6.92 -2.80 25.10
N LEU A 17 7.28 -4.05 24.85
CA LEU A 17 7.55 -5.06 25.86
C LEU A 17 8.56 -4.61 26.92
N THR A 18 8.27 -4.93 28.19
CA THR A 18 9.04 -4.59 29.40
C THR A 18 8.92 -3.10 29.76
N GLY A 19 8.33 -2.32 28.86
CA GLY A 19 8.28 -0.89 29.05
C GLY A 19 7.42 -0.22 30.09
N THR A 20 7.58 1.09 30.10
CA THR A 20 6.92 2.05 30.98
C THR A 20 7.50 3.37 30.46
N ASP A 21 6.98 4.52 30.91
CA ASP A 21 7.52 5.79 30.44
C ASP A 21 8.95 6.00 30.99
N LYS A 22 9.15 5.60 32.25
CA LYS A 22 10.47 5.72 32.90
C LYS A 22 10.71 4.51 33.81
N TYR A 23 11.74 3.72 33.50
CA TYR A 23 12.08 2.54 34.30
C TYR A 23 12.51 2.98 35.69
N ALA A 24 11.82 2.44 36.69
CA ALA A 24 12.04 2.77 38.09
C ALA A 24 11.91 4.28 38.29
N GLY A 25 11.14 4.92 37.40
CA GLY A 25 10.97 6.35 37.49
C GLY A 25 12.24 7.14 37.22
N VAL A 26 13.26 6.48 36.67
CA VAL A 26 14.54 7.15 36.39
C VAL A 26 15.07 7.11 34.94
N LEU A 27 14.95 5.98 34.26
CA LEU A 27 15.44 5.87 32.89
C LEU A 27 14.31 5.97 31.87
N GLU A 28 14.28 7.07 31.12
CA GLU A 28 13.28 7.24 30.08
C GLU A 28 13.37 6.13 29.04
N TYR A 29 12.26 5.51 28.71
CA TYR A 29 12.26 4.44 27.71
C TYR A 29 12.72 5.04 26.38
N TRP A 30 12.08 6.15 25.99
CA TRP A 30 12.39 6.87 24.75
C TRP A 30 13.51 7.83 25.15
N TYR A 31 14.73 7.31 25.25
CA TYR A 31 15.86 8.10 25.71
C TYR A 31 16.18 9.42 25.02
N GLY A 32 15.92 10.53 25.73
CA GLY A 32 16.18 11.86 25.22
C GLY A 32 15.28 12.35 24.10
N ILE A 33 14.29 11.54 23.72
CA ILE A 33 13.37 11.84 22.61
C ILE A 33 12.33 12.93 22.96
N GLN A 34 11.61 12.77 24.07
CA GLN A 34 10.62 13.77 24.45
C GLN A 34 11.23 15.18 24.54
N GLU A 35 12.37 15.31 25.22
CA GLU A 35 13.01 16.61 25.36
C GLU A 35 13.42 17.18 24.01
N ASP A 36 13.99 16.36 23.14
CA ASP A 36 14.41 16.82 21.83
C ASP A 36 13.24 17.37 21.03
N LEU A 37 12.16 16.59 20.98
CA LEU A 37 10.97 16.98 20.24
C LEU A 37 10.35 18.26 20.81
N GLN A 38 10.24 18.33 22.14
CA GLN A 38 9.68 19.50 22.80
C GLN A 38 10.50 20.76 22.53
N GLN A 39 11.82 20.60 22.46
CA GLN A 39 12.69 21.73 22.18
C GLN A 39 12.49 22.25 20.76
N ARG A 40 11.95 21.41 19.88
CA ARG A 40 11.72 21.78 18.50
C ARG A 40 10.23 22.11 18.29
N GLY A 41 9.53 22.41 19.40
CA GLY A 41 8.13 22.80 19.33
C GLY A 41 7.01 21.77 19.32
N ALA A 42 7.32 20.51 19.59
CA ALA A 42 6.32 19.47 19.53
C ALA A 42 5.61 19.32 20.87
N THR A 43 4.34 18.87 20.81
CA THR A 43 3.56 18.58 22.01
C THR A 43 3.67 17.07 22.11
N VAL A 44 4.42 16.61 23.11
CA VAL A 44 4.67 15.20 23.28
C VAL A 44 4.26 14.64 24.65
N TYR A 45 3.57 13.49 24.61
CA TYR A 45 3.15 12.78 25.81
C TYR A 45 3.73 11.37 25.68
N VAL A 46 4.16 10.80 26.80
CA VAL A 46 4.74 9.47 26.82
C VAL A 46 3.84 8.51 27.61
N ALA A 47 3.25 7.55 26.91
CA ALA A 47 2.36 6.59 27.54
C ALA A 47 3.09 5.71 28.57
N ASN A 48 2.33 5.29 29.58
CA ASN A 48 2.83 4.44 30.64
C ASN A 48 1.83 3.30 30.75
N LEU A 49 2.11 2.22 30.03
CA LEU A 49 1.23 1.07 29.99
C LEU A 49 1.92 -0.15 30.60
N SER A 50 1.16 -1.23 30.72
CA SER A 50 1.67 -2.50 31.23
C SER A 50 2.87 -2.91 30.35
N GLY A 51 3.97 -3.28 30.98
CA GLY A 51 5.15 -3.70 30.25
C GLY A 51 4.95 -5.11 29.72
N PHE A 52 4.10 -5.87 30.38
CA PHE A 52 3.78 -7.24 30.01
C PHE A 52 2.27 -7.44 29.98
N GLN A 53 1.72 -7.57 28.78
CA GLN A 53 0.29 -7.81 28.57
C GLN A 53 0.05 -7.97 27.08
N SER A 54 -1.16 -8.41 26.76
CA SER A 54 -1.60 -8.53 25.38
C SER A 54 -2.03 -7.12 25.03
N ASP A 55 -2.34 -6.88 23.76
CA ASP A 55 -2.79 -5.56 23.35
C ASP A 55 -4.32 -5.50 23.37
N ASP A 56 -4.96 -6.61 23.05
CA ASP A 56 -6.42 -6.65 23.12
C ASP A 56 -6.82 -7.18 24.49
N GLY A 57 -8.11 -7.24 24.76
CA GLY A 57 -8.58 -7.72 26.05
C GLY A 57 -8.92 -6.59 26.99
N PRO A 58 -9.82 -6.81 27.97
CA PRO A 58 -10.18 -5.73 28.91
C PRO A 58 -9.01 -5.20 29.72
N ASN A 59 -8.06 -6.08 30.03
CA ASN A 59 -6.89 -5.69 30.82
C ASN A 59 -5.67 -5.41 29.94
N GLY A 60 -5.87 -5.43 28.63
CA GLY A 60 -4.79 -5.22 27.69
C GLY A 60 -4.25 -3.81 27.56
N ARG A 61 -3.11 -3.69 26.88
CA ARG A 61 -2.44 -2.42 26.66
C ARG A 61 -3.24 -1.48 25.75
N GLY A 62 -4.04 -2.04 24.85
CA GLY A 62 -4.83 -1.25 23.94
C GLY A 62 -5.85 -0.40 24.66
N GLU A 63 -6.61 -1.01 25.58
CA GLU A 63 -7.60 -0.27 26.36
C GLU A 63 -6.90 0.77 27.24
N GLN A 64 -5.72 0.42 27.75
CA GLN A 64 -4.96 1.36 28.57
C GLN A 64 -4.53 2.56 27.72
N LEU A 65 -4.09 2.30 26.48
CA LEU A 65 -3.66 3.39 25.63
C LEU A 65 -4.85 4.26 25.22
N LEU A 66 -6.00 3.64 24.93
CA LEU A 66 -7.20 4.38 24.53
C LEU A 66 -7.57 5.33 25.68
N ALA A 67 -7.59 4.81 26.90
CA ALA A 67 -7.90 5.61 28.07
C ALA A 67 -6.91 6.80 28.18
N TYR A 68 -5.63 6.54 27.95
CA TYR A 68 -4.62 7.58 28.02
C TYR A 68 -4.78 8.64 26.93
N VAL A 69 -5.11 8.19 25.73
CA VAL A 69 -5.32 9.10 24.60
C VAL A 69 -6.43 10.06 24.98
N LYS A 70 -7.50 9.56 25.59
CA LYS A 70 -8.61 10.41 26.00
C LYS A 70 -8.17 11.46 27.03
N THR A 71 -7.30 11.10 27.97
CA THR A 71 -6.82 12.07 28.97
C THR A 71 -5.94 13.14 28.29
N VAL A 72 -5.17 12.74 27.27
CA VAL A 72 -4.30 13.68 26.53
C VAL A 72 -5.16 14.65 25.72
N LEU A 73 -6.21 14.16 25.12
CA LEU A 73 -7.11 15.00 24.33
C LEU A 73 -7.78 16.04 25.25
N ALA A 74 -8.17 15.61 26.43
CA ALA A 74 -8.81 16.48 27.42
C ALA A 74 -7.85 17.57 27.90
N ALA A 75 -6.62 17.17 28.21
CA ALA A 75 -5.59 18.08 28.69
C ALA A 75 -5.12 19.13 27.69
N THR A 76 -5.06 18.75 26.42
CA THR A 76 -4.56 19.65 25.38
C THR A 76 -5.67 20.38 24.64
N GLY A 77 -6.89 19.85 24.69
CA GLY A 77 -8.00 20.42 23.95
C GLY A 77 -8.01 19.93 22.50
N ALA A 78 -7.11 19.01 22.19
CA ALA A 78 -7.00 18.46 20.84
C ALA A 78 -8.10 17.44 20.57
N THR A 79 -8.34 17.15 19.29
CA THR A 79 -9.37 16.21 18.89
C THR A 79 -8.78 14.87 18.43
N LYS A 80 -7.51 14.89 18.03
CA LYS A 80 -6.84 13.66 17.58
C LYS A 80 -5.38 13.66 18.05
N VAL A 81 -4.74 12.49 17.96
CA VAL A 81 -3.33 12.35 18.32
C VAL A 81 -2.57 11.62 17.24
N ASN A 82 -1.26 11.77 17.26
CA ASN A 82 -0.36 11.07 16.34
C ASN A 82 0.29 10.02 17.23
N LEU A 83 0.06 8.75 16.92
CA LEU A 83 0.63 7.67 17.71
C LEU A 83 1.96 7.19 17.12
N VAL A 84 3.00 7.14 17.94
CA VAL A 84 4.32 6.67 17.47
C VAL A 84 4.67 5.52 18.43
N GLY A 85 4.70 4.30 17.92
CA GLY A 85 4.96 3.17 18.79
C GLY A 85 6.20 2.38 18.47
N HIS A 86 6.92 1.97 19.51
CA HIS A 86 8.11 1.14 19.32
C HIS A 86 7.75 -0.30 19.65
N SER A 87 8.14 -1.21 18.78
CA SER A 87 7.90 -2.62 19.01
C SER A 87 6.41 -2.93 19.27
N GLN A 88 6.08 -3.56 20.39
CA GLN A 88 4.69 -3.90 20.68
C GLN A 88 3.82 -2.64 20.73
N GLY A 89 4.46 -1.51 21.03
CA GLY A 89 3.76 -0.23 21.09
C GLY A 89 3.08 0.06 19.76
N GLY A 90 3.67 -0.40 18.66
CA GLY A 90 3.07 -0.21 17.35
C GLY A 90 1.78 -1.01 17.21
N LEU A 91 1.73 -2.18 17.84
CA LEU A 91 0.55 -3.04 17.78
C LEU A 91 -0.54 -2.40 18.65
N THR A 92 -0.13 -1.78 19.76
CA THR A 92 -1.05 -1.12 20.68
C THR A 92 -1.65 0.09 19.96
N SER A 93 -0.80 0.80 19.22
CA SER A 93 -1.21 1.98 18.47
C SER A 93 -2.24 1.58 17.39
N ARG A 94 -2.02 0.43 16.75
CA ARG A 94 -2.95 -0.09 15.74
C ARG A 94 -4.31 -0.41 16.37
N TYR A 95 -4.31 -0.93 17.59
CA TYR A 95 -5.55 -1.25 18.28
C TYR A 95 -6.36 0.03 18.47
N VAL A 96 -5.71 1.08 18.95
CA VAL A 96 -6.40 2.36 19.17
C VAL A 96 -6.92 2.94 17.86
N ALA A 97 -6.11 2.87 16.79
CA ALA A 97 -6.51 3.37 15.47
C ALA A 97 -7.69 2.57 14.92
N ALA A 98 -7.78 1.29 15.30
CA ALA A 98 -8.86 0.43 14.83
C ALA A 98 -10.16 0.64 15.58
N VAL A 99 -10.09 0.74 16.90
CA VAL A 99 -11.30 0.89 17.73
C VAL A 99 -11.80 2.32 17.91
N ALA A 100 -10.92 3.30 17.71
CA ALA A 100 -11.27 4.71 17.86
C ALA A 100 -10.63 5.53 16.74
N PRO A 101 -11.03 5.26 15.49
CA PRO A 101 -10.46 6.00 14.36
C PRO A 101 -10.59 7.52 14.40
N ASP A 102 -11.66 8.00 15.03
CA ASP A 102 -11.90 9.43 15.14
C ASP A 102 -10.88 10.16 16.03
N LEU A 103 -10.19 9.41 16.89
CA LEU A 103 -9.22 10.01 17.81
C LEU A 103 -7.77 9.95 17.33
N VAL A 104 -7.54 9.36 16.16
CA VAL A 104 -6.18 9.20 15.64
C VAL A 104 -5.98 9.86 14.27
N ALA A 105 -4.85 10.55 14.11
CA ALA A 105 -4.51 11.21 12.85
C ALA A 105 -3.43 10.42 12.09
N SER A 106 -2.60 9.70 12.84
CA SER A 106 -1.51 8.91 12.23
C SER A 106 -1.01 7.81 13.15
N VAL A 107 -0.39 6.79 12.55
CA VAL A 107 0.20 5.68 13.30
C VAL A 107 1.56 5.45 12.67
N THR A 108 2.61 5.53 13.48
CA THR A 108 3.96 5.29 13.00
C THR A 108 4.49 4.16 13.87
N THR A 109 5.01 3.10 13.24
CA THR A 109 5.53 1.98 14.00
C THR A 109 7.04 1.83 13.76
N ILE A 110 7.79 1.69 14.84
CA ILE A 110 9.26 1.58 14.80
C ILE A 110 9.66 0.19 15.32
N GLY A 111 10.19 -0.65 14.43
CA GLY A 111 10.59 -2.00 14.83
C GLY A 111 9.45 -2.79 15.46
N THR A 112 8.27 -2.68 14.88
CA THR A 112 7.11 -3.38 15.42
C THR A 112 6.90 -4.74 14.79
N PRO A 113 6.69 -5.78 15.63
CA PRO A 113 6.47 -7.13 15.08
C PRO A 113 5.02 -7.35 14.64
N HIS A 114 4.63 -6.72 13.52
CA HIS A 114 3.28 -6.87 12.97
C HIS A 114 2.98 -8.33 12.65
N ARG A 115 4.01 -9.10 12.31
CA ARG A 115 3.85 -10.51 12.00
C ARG A 115 4.43 -11.37 13.11
N GLY A 116 4.72 -10.77 14.26
CA GLY A 116 5.25 -11.54 15.36
C GLY A 116 6.77 -11.63 15.31
N SER A 117 7.31 -12.38 16.27
CA SER A 117 8.74 -12.57 16.42
C SER A 117 9.13 -14.04 16.54
N GLU A 118 10.13 -14.45 15.74
CA GLU A 118 10.65 -15.80 15.77
C GLU A 118 11.33 -16.01 17.13
N PHE A 119 11.77 -14.91 17.75
CA PHE A 119 12.41 -15.02 19.06
C PHE A 119 11.34 -15.34 20.13
N ALA A 120 10.15 -14.76 20.00
CA ALA A 120 9.05 -15.05 20.92
C ALA A 120 8.66 -16.52 20.73
N ASP A 121 8.61 -16.99 19.47
CA ASP A 121 8.31 -18.39 19.14
C ASP A 121 9.31 -19.29 19.86
N PHE A 122 10.57 -18.88 19.81
CA PHE A 122 11.68 -19.61 20.42
C PHE A 122 11.50 -19.70 21.95
N VAL A 123 11.32 -18.57 22.60
CA VAL A 123 11.16 -18.52 24.06
C VAL A 123 9.95 -19.36 24.52
N GLN A 124 8.86 -19.30 23.77
CA GLN A 124 7.66 -20.06 24.08
C GLN A 124 7.97 -21.55 23.97
N GLY A 125 8.70 -21.92 22.93
CA GLY A 125 9.05 -23.30 22.74
C GLY A 125 9.97 -23.82 23.84
N VAL A 126 10.89 -22.99 24.31
CA VAL A 126 11.83 -23.38 25.36
C VAL A 126 11.05 -23.75 26.64
N LEU A 127 10.05 -22.93 26.96
CA LEU A 127 9.21 -23.18 28.14
C LEU A 127 8.48 -24.53 28.07
N ALA A 128 8.07 -24.93 26.86
CA ALA A 128 7.36 -26.19 26.62
C ALA A 128 8.19 -27.45 26.89
N TYR A 129 9.51 -27.30 26.97
CA TYR A 129 10.39 -28.43 27.23
C TYR A 129 10.48 -28.80 28.71
N ASP A 130 9.88 -27.99 29.57
CA ASP A 130 9.86 -28.33 30.99
C ASP A 130 8.66 -29.26 31.12
N PRO A 131 8.91 -30.54 31.38
CA PRO A 131 7.88 -31.58 31.54
C PRO A 131 6.90 -31.31 32.66
N THR A 132 7.34 -30.57 33.67
CA THR A 132 6.50 -30.27 34.83
C THR A 132 5.70 -28.97 34.64
N GLY A 133 6.15 -28.11 33.73
CA GLY A 133 5.49 -26.84 33.50
C GLY A 133 5.73 -25.81 34.59
N LEU A 134 6.51 -26.19 35.61
CA LEU A 134 6.78 -25.30 36.73
C LEU A 134 7.61 -24.06 36.39
N SER A 135 8.44 -24.14 35.34
CA SER A 135 9.26 -22.99 34.95
C SER A 135 8.38 -21.89 34.39
N SER A 136 7.29 -22.25 33.71
CA SER A 136 6.36 -21.25 33.17
C SER A 136 5.86 -20.40 34.33
N THR A 137 5.49 -21.06 35.42
CA THR A 137 5.00 -20.39 36.61
C THR A 137 6.10 -19.57 37.31
N VAL A 138 7.26 -20.19 37.55
CA VAL A 138 8.37 -19.52 38.22
C VAL A 138 8.95 -18.33 37.45
N ILE A 139 9.24 -18.52 36.17
CA ILE A 139 9.82 -17.46 35.36
C ILE A 139 8.80 -16.34 35.10
N ALA A 140 7.54 -16.70 34.88
CA ALA A 140 6.49 -15.70 34.66
C ALA A 140 6.36 -14.83 35.91
N ALA A 141 6.43 -15.46 37.07
CA ALA A 141 6.34 -14.74 38.33
C ALA A 141 7.51 -13.76 38.47
N PHE A 142 8.73 -14.18 38.12
CA PHE A 142 9.92 -13.30 38.20
C PHE A 142 9.75 -12.10 37.30
N VAL A 143 9.34 -12.37 36.06
CA VAL A 143 9.15 -11.34 35.06
C VAL A 143 8.01 -10.39 35.42
N ASN A 144 6.92 -10.92 35.95
CA ASN A 144 5.80 -10.08 36.36
C ASN A 144 6.25 -9.17 37.49
N VAL A 145 7.02 -9.70 38.43
CA VAL A 145 7.52 -8.90 39.54
C VAL A 145 8.45 -7.80 38.98
N PHE A 146 9.32 -8.16 38.03
CA PHE A 146 10.24 -7.21 37.39
C PHE A 146 9.43 -6.05 36.80
N GLY A 147 8.32 -6.39 36.13
CA GLY A 147 7.46 -5.39 35.53
C GLY A 147 6.84 -4.44 36.56
N ILE A 148 6.32 -4.98 37.66
CA ILE A 148 5.72 -4.18 38.74
C ILE A 148 6.77 -3.27 39.39
N LEU A 149 7.95 -3.83 39.68
CA LEU A 149 9.02 -3.06 40.29
C LEU A 149 9.58 -1.95 39.39
N THR A 150 9.70 -2.21 38.08
CA THR A 150 10.27 -1.20 37.18
C THR A 150 9.25 -0.21 36.62
N SER A 151 7.98 -0.58 36.61
CA SER A 151 6.93 0.33 36.15
C SER A 151 7.06 1.62 36.98
N SER A 152 7.01 2.78 36.33
CA SER A 152 7.13 4.06 37.02
C SER A 152 6.04 4.26 38.10
N SER A 153 4.91 3.60 37.90
CA SER A 153 3.76 3.70 38.79
C SER A 153 3.46 2.38 39.50
N ASN A 154 4.41 1.46 39.45
CA ASN A 154 4.26 0.13 40.05
C ASN A 154 2.96 -0.57 39.66
N ASN A 155 2.63 -0.46 38.37
CA ASN A 155 1.44 -1.06 37.76
C ASN A 155 1.48 -2.57 38.00
N THR A 156 0.50 -3.08 38.73
CA THR A 156 0.43 -4.50 39.06
C THR A 156 -0.16 -5.36 37.94
N ASN A 157 -0.68 -4.73 36.90
CA ASN A 157 -1.28 -5.46 35.79
C ASN A 157 -0.14 -5.86 34.87
N GLN A 158 0.48 -6.99 35.18
CA GLN A 158 1.57 -7.54 34.37
C GLN A 158 1.25 -9.01 34.14
N ASP A 159 1.33 -9.44 32.90
CA ASP A 159 1.05 -10.82 32.53
C ASP A 159 2.05 -11.19 31.44
N ALA A 160 3.21 -11.64 31.89
CA ALA A 160 4.32 -12.04 31.05
C ALA A 160 3.94 -13.11 30.04
N LEU A 161 3.20 -14.12 30.49
CA LEU A 161 2.80 -15.20 29.58
C LEU A 161 1.89 -14.68 28.47
N ALA A 162 1.00 -13.75 28.80
CA ALA A 162 0.11 -13.15 27.78
C ALA A 162 0.97 -12.35 26.80
N ALA A 163 1.93 -11.60 27.30
CA ALA A 163 2.81 -10.79 26.46
C ALA A 163 3.60 -11.68 25.50
N LEU A 164 4.14 -12.79 26.02
CA LEU A 164 4.90 -13.75 25.21
C LEU A 164 4.02 -14.33 24.11
N LYS A 165 2.82 -14.78 24.47
CA LYS A 165 1.90 -15.38 23.49
C LYS A 165 1.56 -14.38 22.39
N THR A 166 1.29 -13.13 22.78
CA THR A 166 0.93 -12.05 21.88
C THR A 166 1.97 -11.80 20.79
N LEU A 167 3.24 -11.92 21.15
CA LEU A 167 4.34 -11.65 20.23
C LEU A 167 4.77 -12.83 19.34
N THR A 168 4.15 -13.99 19.52
CA THR A 168 4.49 -15.14 18.68
C THR A 168 3.95 -14.92 17.27
N THR A 169 4.55 -15.58 16.29
CA THR A 169 4.12 -15.44 14.90
C THR A 169 2.69 -15.94 14.67
N ALA A 170 2.33 -17.07 15.30
CA ALA A 170 0.99 -17.62 15.14
C ALA A 170 -0.07 -16.66 15.73
N GLN A 171 0.21 -16.09 16.90
CA GLN A 171 -0.75 -15.20 17.54
C GLN A 171 -0.86 -13.86 16.82
N ALA A 172 0.26 -13.35 16.30
CA ALA A 172 0.25 -12.08 15.58
C ALA A 172 -0.61 -12.22 14.33
N ALA A 173 -0.64 -13.39 13.70
CA ALA A 173 -1.46 -13.62 12.52
C ALA A 173 -2.94 -13.50 12.90
N THR A 174 -3.30 -14.03 14.06
CA THR A 174 -4.66 -13.96 14.54
C THR A 174 -5.00 -12.49 14.86
N TYR A 175 -4.07 -11.78 15.49
CA TYR A 175 -4.27 -10.37 15.84
C TYR A 175 -4.58 -9.58 14.57
N ASN A 176 -3.84 -9.84 13.50
CA ASN A 176 -4.04 -9.14 12.23
C ASN A 176 -5.42 -9.42 11.61
N GLN A 177 -5.97 -10.61 11.84
CA GLN A 177 -7.32 -10.97 11.34
C GLN A 177 -8.35 -10.21 12.18
N ASN A 178 -8.09 -10.09 13.49
CA ASN A 178 -9.01 -9.43 14.40
C ASN A 178 -8.95 -7.91 14.29
N TYR A 179 -7.77 -7.39 13.97
CA TYR A 179 -7.57 -5.96 13.84
C TYR A 179 -6.89 -5.65 12.51
N PRO A 180 -7.64 -5.78 11.41
CA PRO A 180 -7.03 -5.51 10.10
C PRO A 180 -6.68 -4.03 9.87
N SER A 181 -5.78 -3.79 8.92
CA SER A 181 -5.39 -2.44 8.58
C SER A 181 -5.05 -2.38 7.10
N ALA A 182 -5.41 -1.25 6.47
CA ALA A 182 -5.09 -1.02 5.07
C ALA A 182 -3.56 -0.90 4.92
N GLY A 183 -2.87 -0.58 6.03
CA GLY A 183 -1.41 -0.45 5.99
C GLY A 183 -0.66 -1.77 5.97
N LEU A 184 -1.37 -2.88 6.12
CA LEU A 184 -0.74 -4.20 6.12
C LEU A 184 -0.92 -4.93 4.79
N GLY A 185 0.15 -5.55 4.33
CA GLY A 185 0.10 -6.33 3.10
C GLY A 185 -0.33 -7.75 3.42
N ALA A 186 -0.35 -8.61 2.41
CA ALA A 186 -0.76 -10.00 2.60
C ALA A 186 0.18 -10.80 3.48
N PRO A 187 -0.37 -11.63 4.39
CA PRO A 187 0.50 -12.43 5.25
C PRO A 187 1.42 -13.30 4.38
N GLY A 188 2.67 -13.42 4.79
CA GLY A 188 3.63 -14.22 4.06
C GLY A 188 4.22 -13.61 2.81
N SER A 189 3.84 -12.38 2.48
CA SER A 189 4.32 -11.74 1.26
C SER A 189 5.52 -10.81 1.44
N CYS A 190 5.82 -10.46 2.68
CA CYS A 190 6.89 -9.51 2.98
C CYS A 190 6.66 -8.19 2.22
N GLN A 191 5.41 -7.75 2.19
CA GLN A 191 5.05 -6.48 1.55
C GLN A 191 4.29 -5.63 2.56
N THR A 192 4.34 -4.33 2.36
CA THR A 192 3.59 -3.41 3.19
C THR A 192 2.23 -3.23 2.49
N GLY A 193 1.36 -2.42 3.06
CA GLY A 193 0.07 -2.15 2.47
C GLY A 193 0.04 -0.74 1.92
N ALA A 194 -1.05 -0.02 2.20
CA ALA A 194 -1.24 1.36 1.74
C ALA A 194 -0.64 2.41 2.68
N PRO A 195 -0.33 3.62 2.19
CA PRO A 195 0.24 4.65 3.05
C PRO A 195 -0.81 5.33 3.96
N THR A 196 -2.10 5.10 3.69
CA THR A 196 -3.17 5.66 4.51
C THR A 196 -4.32 4.68 4.65
N GLU A 197 -5.23 4.98 5.58
CA GLU A 197 -6.43 4.18 5.78
C GLU A 197 -7.54 5.17 6.06
N THR A 198 -8.69 4.96 5.43
CA THR A 198 -9.85 5.83 5.63
C THR A 198 -11.08 5.02 6.04
N VAL A 199 -11.61 5.29 7.18
CA VAL A 199 -12.88 4.71 7.61
C VAL A 199 -13.93 5.80 7.83
N GLY A 200 -14.93 5.79 7.01
CA GLY A 200 -15.91 6.85 7.09
C GLY A 200 -15.24 8.16 6.76
N GLY A 201 -15.31 9.12 7.68
CA GLY A 201 -14.69 10.40 7.42
C GLY A 201 -13.32 10.53 8.04
N ASN A 202 -12.80 9.44 8.60
CA ASN A 202 -11.50 9.49 9.27
C ASN A 202 -10.35 8.91 8.45
N THR A 203 -9.33 9.73 8.20
CA THR A 203 -8.16 9.28 7.46
C THR A 203 -6.95 9.26 8.40
N HIS A 204 -6.20 8.17 8.36
CA HIS A 204 -5.00 7.98 9.17
C HIS A 204 -3.79 7.87 8.25
N LEU A 205 -2.73 8.60 8.56
CA LEU A 205 -1.50 8.54 7.80
C LEU A 205 -0.71 7.42 8.46
N LEU A 206 -0.29 6.41 7.68
CA LEU A 206 0.40 5.25 8.25
C LEU A 206 1.88 5.21 7.83
N TYR A 207 2.76 4.97 8.81
CA TYR A 207 4.19 4.92 8.54
C TYR A 207 4.89 3.84 9.34
N SER A 208 6.12 3.54 8.92
CA SER A 208 6.94 2.58 9.63
C SER A 208 8.40 2.60 9.18
N TRP A 209 9.26 2.11 10.06
CA TRP A 209 10.67 1.90 9.73
C TRP A 209 11.15 0.76 10.58
N ALA A 210 12.24 0.16 10.14
CA ALA A 210 12.80 -0.99 10.81
C ALA A 210 14.31 -0.88 10.88
N GLY A 211 14.88 -1.55 11.87
CA GLY A 211 16.33 -1.59 12.03
C GLY A 211 16.75 -2.97 11.52
N THR A 212 17.79 -3.00 10.69
CA THR A 212 18.28 -4.26 10.15
C THR A 212 19.79 -4.43 10.38
N ALA A 213 20.23 -4.12 11.60
CA ALA A 213 21.65 -4.28 11.93
C ALA A 213 22.10 -5.72 11.80
N ILE A 214 21.27 -6.66 12.24
CA ILE A 214 21.63 -8.07 12.22
C ILE A 214 21.35 -8.68 10.83
N GLN A 215 22.42 -8.99 10.11
CA GLN A 215 22.34 -9.55 8.77
C GLN A 215 22.90 -10.96 8.71
N PRO A 216 22.17 -11.89 8.06
CA PRO A 216 22.68 -13.27 7.96
C PRO A 216 23.81 -13.14 6.93
N THR A 217 25.02 -13.64 7.26
CA THR A 217 26.15 -13.47 6.34
C THR A 217 26.95 -14.71 5.93
N ILE A 218 26.64 -15.86 6.51
CA ILE A 218 27.36 -17.10 6.18
C ILE A 218 26.52 -18.28 6.63
N SER A 219 26.49 -19.36 5.84
CA SER A 219 25.73 -20.56 6.20
C SER A 219 26.66 -21.76 6.06
N VAL A 220 26.85 -22.48 7.15
CA VAL A 220 27.74 -23.63 7.20
C VAL A 220 27.10 -24.77 8.00
N PHE A 221 26.96 -25.94 7.39
CA PHE A 221 26.44 -27.15 8.00
C PHE A 221 25.07 -26.91 8.61
N GLY A 222 24.19 -26.23 7.89
CA GLY A 222 22.85 -25.96 8.37
C GLY A 222 22.74 -24.89 9.45
N VAL A 223 23.86 -24.22 9.76
CA VAL A 223 23.89 -23.17 10.77
C VAL A 223 24.21 -21.83 10.09
N THR A 224 23.40 -20.81 10.38
CA THR A 224 23.61 -19.48 9.80
C THR A 224 24.26 -18.54 10.81
N GLY A 225 25.34 -17.91 10.37
CA GLY A 225 26.05 -16.96 11.20
C GLY A 225 25.61 -15.57 10.77
N ALA A 226 25.61 -14.63 11.70
CA ALA A 226 25.20 -13.27 11.40
C ALA A 226 26.32 -12.27 11.67
N THR A 227 26.07 -11.03 11.25
CA THR A 227 27.00 -9.92 11.45
C THR A 227 26.18 -8.73 11.94
N ASP A 228 26.68 -8.06 12.98
CA ASP A 228 26.03 -6.88 13.52
C ASP A 228 26.64 -5.73 12.74
N THR A 229 25.94 -5.29 11.71
CA THR A 229 26.41 -4.23 10.82
C THR A 229 26.34 -2.82 11.44
N SER A 230 25.77 -2.69 12.62
CA SER A 230 25.70 -1.39 13.27
C SER A 230 27.08 -1.01 13.81
N THR A 231 27.95 -2.00 13.99
CA THR A 231 29.25 -1.77 14.59
C THR A 231 30.47 -1.97 13.69
N ILE A 232 31.57 -1.30 14.05
CA ILE A 232 32.84 -1.51 13.36
C ILE A 232 33.18 -2.90 13.97
N PRO A 233 33.51 -3.90 13.12
CA PRO A 233 33.82 -5.25 13.61
C PRO A 233 34.73 -5.33 14.84
N LEU A 234 34.20 -5.97 15.88
CA LEU A 234 34.84 -6.21 17.17
C LEU A 234 35.21 -5.02 18.06
N VAL A 235 35.99 -4.09 17.52
CA VAL A 235 36.50 -2.91 18.24
C VAL A 235 35.53 -1.78 18.62
N ASP A 236 34.30 -1.82 18.12
CA ASP A 236 33.33 -0.76 18.41
C ASP A 236 33.04 -0.59 19.91
N PRO A 237 33.20 0.64 20.44
CA PRO A 237 32.94 0.92 21.86
C PRO A 237 31.51 0.59 22.29
N ALA A 238 30.58 0.56 21.33
CA ALA A 238 29.19 0.20 21.67
C ALA A 238 29.07 -1.20 22.25
N ASN A 239 29.98 -2.10 21.86
CA ASN A 239 29.97 -3.46 22.39
C ASN A 239 30.38 -3.44 23.86
N ALA A 240 31.12 -2.41 24.26
CA ALA A 240 31.58 -2.27 25.64
C ALA A 240 30.66 -1.45 26.52
N LEU A 241 30.16 -0.35 25.96
CA LEU A 241 29.34 0.60 26.71
C LEU A 241 27.84 0.33 26.75
N ASP A 242 27.38 -0.58 25.92
CA ASP A 242 25.96 -0.90 25.89
C ASP A 242 25.83 -2.42 25.79
N PRO A 243 25.46 -3.08 26.89
CA PRO A 243 25.31 -4.53 26.90
C PRO A 243 24.25 -5.08 25.96
N SER A 244 23.33 -4.24 25.49
CA SER A 244 22.30 -4.75 24.58
C SER A 244 22.83 -4.95 23.16
N THR A 245 23.97 -4.35 22.84
CA THR A 245 24.54 -4.48 21.50
C THR A 245 24.86 -5.95 21.23
N LEU A 246 25.67 -6.55 22.09
CA LEU A 246 26.00 -7.96 21.91
C LEU A 246 24.82 -8.88 22.20
N ALA A 247 23.96 -8.50 23.15
CA ALA A 247 22.79 -9.30 23.49
C ALA A 247 21.87 -9.44 22.28
N LEU A 248 21.65 -8.35 21.56
CA LEU A 248 20.75 -8.37 20.39
C LEU A 248 21.42 -9.06 19.18
N PHE A 249 22.75 -9.08 19.16
CA PHE A 249 23.44 -9.80 18.10
C PHE A 249 23.21 -11.29 18.42
N GLY A 250 23.25 -11.66 19.70
CA GLY A 250 22.99 -13.03 20.09
C GLY A 250 21.56 -13.47 19.76
N THR A 251 20.57 -12.67 20.15
CA THR A 251 19.18 -13.02 19.88
C THR A 251 18.95 -12.96 18.37
N GLY A 252 19.64 -12.03 17.70
CA GLY A 252 19.52 -11.87 16.26
C GLY A 252 20.04 -13.10 15.52
N THR A 253 21.00 -13.79 16.13
CA THR A 253 21.57 -15.02 15.55
C THR A 253 20.52 -16.14 15.64
N VAL A 254 19.81 -16.20 16.77
CA VAL A 254 18.75 -17.21 16.95
C VAL A 254 17.71 -16.90 15.86
N MET A 255 17.41 -15.62 15.68
CA MET A 255 16.43 -15.17 14.69
C MET A 255 16.78 -15.69 13.28
N VAL A 256 18.00 -15.43 12.81
CA VAL A 256 18.37 -15.89 11.47
C VAL A 256 18.35 -17.41 11.33
N ASN A 257 18.58 -18.13 12.42
CA ASN A 257 18.55 -19.59 12.41
C ASN A 257 17.13 -20.13 12.49
N ARG A 258 16.17 -19.22 12.60
CA ARG A 258 14.74 -19.56 12.62
C ARG A 258 14.11 -18.98 11.35
N GLY A 259 14.96 -18.68 10.38
CA GLY A 259 14.53 -18.17 9.09
C GLY A 259 13.97 -16.76 9.01
N SER A 260 14.38 -15.90 9.92
CA SER A 260 13.86 -14.54 9.95
C SER A 260 14.42 -13.59 8.90
N GLY A 261 15.65 -13.83 8.48
CA GLY A 261 16.27 -12.93 7.54
C GLY A 261 16.82 -11.77 8.37
N GLN A 262 17.18 -10.67 7.71
CA GLN A 262 17.73 -9.51 8.39
C GLN A 262 16.76 -9.05 9.48
N ASN A 263 17.30 -8.62 10.62
CA ASN A 263 16.47 -8.23 11.75
C ASN A 263 17.16 -7.25 12.67
N ASP A 264 16.46 -6.80 13.70
CA ASP A 264 17.05 -5.87 14.65
C ASP A 264 17.43 -6.56 15.96
N GLY A 265 17.36 -7.88 15.96
CA GLY A 265 17.69 -8.64 17.16
C GLY A 265 16.49 -9.46 17.57
N VAL A 266 15.29 -8.90 17.41
CA VAL A 266 14.06 -9.60 17.80
C VAL A 266 12.89 -9.39 16.84
N VAL A 267 13.04 -8.49 15.87
CA VAL A 267 11.99 -8.22 14.88
C VAL A 267 12.59 -8.23 13.47
N SER A 268 12.04 -9.07 12.61
CA SER A 268 12.52 -9.18 11.23
C SER A 268 12.05 -8.01 10.39
N LYS A 269 12.77 -7.75 9.31
CA LYS A 269 12.41 -6.67 8.39
C LYS A 269 11.01 -6.88 7.88
N CYS A 270 10.69 -8.09 7.44
CA CYS A 270 9.36 -8.40 6.92
C CYS A 270 8.27 -8.19 7.96
N SER A 271 8.55 -8.54 9.21
CA SER A 271 7.55 -8.39 10.25
C SER A 271 7.25 -6.91 10.55
N ALA A 272 8.25 -6.04 10.38
CA ALA A 272 8.13 -4.61 10.66
C ALA A 272 7.42 -3.74 9.63
N LEU A 273 7.14 -4.30 8.45
CA LEU A 273 6.51 -3.53 7.38
C LEU A 273 5.06 -3.09 7.64
N TYR A 274 4.81 -1.79 7.52
CA TYR A 274 3.47 -1.23 7.74
C TYR A 274 3.33 0.16 7.12
N GLY A 275 2.21 0.40 6.43
CA GLY A 275 1.97 1.70 5.83
C GLY A 275 3.08 2.16 4.91
N GLN A 276 3.41 3.44 4.97
CA GLN A 276 4.50 3.96 4.15
C GLN A 276 5.78 3.59 4.87
N VAL A 277 6.52 2.65 4.29
CA VAL A 277 7.79 2.20 4.84
C VAL A 277 8.87 3.22 4.49
N LEU A 278 9.24 4.05 5.45
CA LEU A 278 10.22 5.10 5.24
C LEU A 278 11.62 4.54 5.05
N SER A 279 11.94 3.47 5.77
CA SER A 279 13.25 2.82 5.65
C SER A 279 13.32 1.51 6.41
N THR A 280 14.08 0.56 5.86
CA THR A 280 14.32 -0.73 6.53
C THR A 280 15.83 -0.92 6.46
N SER A 281 16.55 0.16 6.15
CA SER A 281 18.00 0.12 5.95
C SER A 281 18.84 0.58 7.14
N TYR A 282 18.20 1.16 8.14
CA TYR A 282 18.93 1.64 9.31
C TYR A 282 19.75 0.50 9.91
N LYS A 283 21.03 0.76 10.15
CA LYS A 283 21.90 -0.27 10.75
C LYS A 283 21.75 -0.14 12.26
N TRP A 284 20.55 -0.52 12.70
CA TRP A 284 20.14 -0.45 14.10
C TRP A 284 19.68 -1.76 14.68
N ASN A 285 19.97 -1.96 15.95
CA ASN A 285 19.42 -3.11 16.62
C ASN A 285 18.12 -2.55 17.28
N HIS A 286 17.37 -3.43 17.93
CA HIS A 286 16.08 -3.10 18.53
C HIS A 286 16.08 -1.93 19.52
N LEU A 287 17.15 -1.79 20.29
CA LEU A 287 17.20 -0.71 21.26
C LEU A 287 17.77 0.59 20.67
N ASP A 288 18.55 0.48 19.60
CA ASP A 288 19.09 1.67 18.93
C ASP A 288 17.91 2.53 18.44
N GLU A 289 16.83 1.86 18.05
CA GLU A 289 15.59 2.48 17.56
C GLU A 289 15.03 3.50 18.53
N ILE A 290 15.21 3.27 19.84
CA ILE A 290 14.74 4.18 20.88
C ILE A 290 15.89 4.89 21.63
N ASN A 291 17.03 5.02 20.94
CA ASN A 291 18.22 5.71 21.47
C ASN A 291 18.74 5.06 22.78
N GLN A 292 18.66 3.73 22.85
CA GLN A 292 19.09 2.97 24.04
C GLN A 292 20.25 2.02 23.69
N LEU A 293 21.03 1.59 24.69
CA LEU A 293 20.95 2.05 26.07
C LEU A 293 21.74 3.34 26.31
N LEU A 294 21.06 4.31 26.89
CA LEU A 294 21.61 5.61 27.24
C LEU A 294 22.31 6.34 26.09
N GLY A 295 21.72 6.24 24.90
CA GLY A 295 22.24 6.93 23.73
C GLY A 295 23.41 6.28 23.00
N VAL A 296 23.83 5.10 23.46
CA VAL A 296 24.95 4.44 22.84
C VAL A 296 24.51 3.62 21.62
N ARG A 297 25.20 3.81 20.51
CA ARG A 297 24.91 3.04 19.32
C ARG A 297 26.24 2.79 18.58
N GLY A 298 26.26 1.75 17.77
CA GLY A 298 27.45 1.42 17.00
C GLY A 298 27.83 2.54 16.04
N ALA A 299 29.06 2.51 15.56
CA ALA A 299 29.56 3.54 14.66
C ALA A 299 28.85 3.67 13.32
N ASN A 300 28.23 2.60 12.84
CA ASN A 300 27.55 2.65 11.55
C ASN A 300 26.05 2.95 11.69
N ALA A 301 25.60 3.08 12.93
CA ALA A 301 24.20 3.35 13.21
C ALA A 301 23.84 4.83 13.09
N GLU A 302 22.78 5.11 12.34
CA GLU A 302 22.28 6.47 12.15
C GLU A 302 21.75 7.03 13.50
N ASP A 303 21.61 8.34 13.58
CA ASP A 303 21.13 9.01 14.80
C ASP A 303 19.59 8.81 14.89
N PRO A 304 19.13 8.03 15.88
CA PRO A 304 17.68 7.80 16.04
C PRO A 304 16.91 9.03 16.52
N VAL A 305 17.57 9.91 17.26
CA VAL A 305 16.94 11.13 17.76
C VAL A 305 16.60 12.00 16.53
N ALA A 306 17.56 12.14 15.64
CA ALA A 306 17.37 12.92 14.41
C ALA A 306 16.31 12.30 13.51
N VAL A 307 16.26 10.97 13.42
CA VAL A 307 15.27 10.28 12.57
C VAL A 307 13.85 10.54 13.10
N ILE A 308 13.65 10.41 14.39
CA ILE A 308 12.35 10.64 15.01
C ILE A 308 11.95 12.12 14.86
N ARG A 309 12.91 13.04 15.00
CA ARG A 309 12.64 14.48 14.89
C ARG A 309 12.20 14.83 13.46
N THR A 310 12.93 14.30 12.48
CA THR A 310 12.63 14.53 11.08
C THR A 310 11.25 14.00 10.77
N HIS A 311 10.88 12.90 11.43
CA HIS A 311 9.55 12.35 11.22
C HIS A 311 8.47 13.26 11.80
N ALA A 312 8.74 13.90 12.94
CA ALA A 312 7.78 14.82 13.53
C ALA A 312 7.53 15.93 12.51
N ASN A 313 8.60 16.41 11.88
CA ASN A 313 8.48 17.43 10.85
C ASN A 313 7.68 16.91 9.63
N ARG A 314 7.93 15.66 9.24
CA ARG A 314 7.20 15.02 8.13
C ARG A 314 5.69 15.03 8.44
N LEU A 315 5.34 14.70 9.69
CA LEU A 315 3.95 14.68 10.13
C LEU A 315 3.37 16.10 10.04
N LYS A 316 4.17 17.09 10.45
CA LYS A 316 3.77 18.50 10.40
C LYS A 316 3.48 18.89 8.95
N LEU A 317 4.40 18.56 8.05
CA LEU A 317 4.25 18.88 6.64
C LEU A 317 3.06 18.16 6.01
N ALA A 318 2.70 17.00 6.55
CA ALA A 318 1.58 16.22 6.01
C ALA A 318 0.23 16.72 6.51
N GLY A 319 0.26 17.69 7.43
CA GLY A 319 -0.97 18.25 7.93
C GLY A 319 -1.51 17.67 9.22
N VAL A 320 -0.74 16.82 9.88
CA VAL A 320 -1.18 16.23 11.13
C VAL A 320 -0.31 16.73 12.30
N ASP B 2 13.94 16.41 -26.78
CA ASP B 2 14.87 16.10 -25.65
C ASP B 2 14.73 14.64 -25.20
N ASN B 3 15.11 14.37 -23.95
CA ASN B 3 15.02 13.02 -23.40
C ASN B 3 14.23 12.98 -22.10
N TYR B 4 13.30 13.92 -21.95
CA TYR B 4 12.44 14.01 -20.76
C TYR B 4 11.71 12.70 -20.47
N ALA B 5 11.23 12.02 -21.51
CA ALA B 5 10.50 10.76 -21.36
C ALA B 5 11.32 9.49 -21.62
N ALA B 6 12.63 9.62 -21.66
CA ALA B 6 13.51 8.49 -21.96
C ALA B 6 13.71 7.48 -20.83
N THR B 7 12.78 6.55 -20.72
CA THR B 7 12.85 5.51 -19.69
C THR B 7 13.86 4.44 -20.10
N ARG B 8 14.38 3.72 -19.12
CA ARG B 8 15.33 2.65 -19.36
C ARG B 8 14.66 1.52 -20.17
N TYR B 9 13.46 1.14 -19.75
CA TYR B 9 12.73 0.06 -20.39
C TYR B 9 11.64 0.59 -21.31
N PRO B 10 11.41 -0.08 -22.46
CA PRO B 10 10.37 0.39 -23.38
C PRO B 10 9.02 0.47 -22.73
N ILE B 11 8.24 1.48 -23.12
CA ILE B 11 6.90 1.66 -22.61
C ILE B 11 5.94 1.00 -23.61
N ILE B 12 5.08 0.11 -23.14
CA ILE B 12 4.07 -0.49 -24.01
C ILE B 12 2.71 0.04 -23.54
N LEU B 13 2.05 0.77 -24.43
CA LEU B 13 0.73 1.33 -24.17
C LEU B 13 -0.25 0.19 -24.48
N VAL B 14 -1.13 -0.11 -23.51
CA VAL B 14 -2.07 -1.23 -23.62
C VAL B 14 -3.51 -0.74 -23.55
N HIS B 15 -4.20 -0.81 -24.68
CA HIS B 15 -5.59 -0.39 -24.80
C HIS B 15 -6.59 -1.30 -24.06
N GLY B 16 -7.79 -0.76 -23.85
CA GLY B 16 -8.84 -1.49 -23.17
C GLY B 16 -9.93 -1.95 -24.14
N LEU B 17 -11.15 -2.02 -23.62
CA LEU B 17 -12.33 -2.45 -24.35
C LEU B 17 -12.54 -1.66 -25.65
N THR B 18 -12.95 -2.37 -26.71
CA THR B 18 -13.21 -1.89 -28.09
C THR B 18 -11.91 -1.56 -28.83
N GLY B 19 -10.81 -1.53 -28.09
CA GLY B 19 -9.54 -1.13 -28.65
C GLY B 19 -8.79 -1.96 -29.66
N THR B 20 -7.72 -1.32 -30.10
CA THR B 20 -6.77 -1.82 -31.09
C THR B 20 -5.74 -0.69 -31.08
N ASP B 21 -4.58 -0.88 -31.70
CA ASP B 21 -3.60 0.21 -31.71
C ASP B 21 -4.13 1.40 -32.52
N LYS B 22 -4.73 1.12 -33.68
CA LYS B 22 -5.30 2.16 -34.53
C LYS B 22 -6.64 1.70 -35.12
N TYR B 23 -7.72 2.40 -34.76
CA TYR B 23 -9.05 2.06 -35.27
C TYR B 23 -9.09 2.20 -36.81
N ALA B 24 -9.49 1.12 -37.47
CA ALA B 24 -9.56 1.03 -38.93
C ALA B 24 -8.19 1.35 -39.51
N GLY B 25 -7.16 1.13 -38.70
CA GLY B 25 -5.79 1.42 -39.12
C GLY B 25 -5.48 2.90 -39.30
N VAL B 26 -6.38 3.78 -38.84
CA VAL B 26 -6.18 5.22 -39.00
C VAL B 26 -6.20 6.06 -37.72
N LEU B 27 -7.12 5.77 -36.80
CA LEU B 27 -7.24 6.55 -35.56
C LEU B 27 -6.53 5.90 -34.36
N GLU B 28 -5.41 6.50 -33.94
CA GLU B 28 -4.67 6.02 -32.78
C GLU B 28 -5.51 6.10 -31.52
N TYR B 29 -5.59 5.01 -30.77
CA TYR B 29 -6.36 4.76 -29.60
C TYR B 29 -5.79 5.76 -28.59
N TRP B 30 -4.46 5.72 -28.45
CA TRP B 30 -3.73 6.60 -27.54
C TRP B 30 -3.44 7.84 -28.39
N TYR B 31 -4.46 8.66 -28.59
CA TYR B 31 -4.34 9.82 -29.47
C TYR B 31 -3.21 10.79 -29.22
N GLY B 32 -2.27 10.79 -30.16
CA GLY B 32 -1.13 11.69 -30.11
C GLY B 32 -0.11 11.41 -29.01
N ILE B 33 -0.32 10.34 -28.27
CA ILE B 33 0.52 9.96 -27.13
C ILE B 33 1.85 9.33 -27.57
N GLN B 34 1.81 8.33 -28.45
CA GLN B 34 3.05 7.70 -28.92
C GLN B 34 4.02 8.71 -29.53
N GLU B 35 3.52 9.57 -30.40
CA GLU B 35 4.35 10.59 -31.03
C GLU B 35 4.94 11.53 -30.00
N ASP B 36 4.15 11.99 -29.04
CA ASP B 36 4.64 12.90 -28.03
C ASP B 36 5.77 12.30 -27.22
N LEU B 37 5.56 11.07 -26.75
CA LEU B 37 6.54 10.39 -25.94
C LEU B 37 7.82 10.15 -26.72
N GLN B 38 7.68 9.71 -27.97
CA GLN B 38 8.83 9.47 -28.83
C GLN B 38 9.63 10.76 -29.08
N GLN B 39 8.94 11.88 -29.26
CA GLN B 39 9.60 13.15 -29.46
C GLN B 39 10.42 13.55 -28.23
N ARG B 40 9.95 13.09 -27.07
CA ARG B 40 10.63 13.40 -25.84
C ARG B 40 11.59 12.29 -25.42
N GLY B 41 12.00 11.46 -26.39
CA GLY B 41 13.00 10.41 -26.12
C GLY B 41 12.61 9.03 -25.64
N ALA B 42 11.33 8.71 -25.61
CA ALA B 42 10.89 7.42 -25.11
C ALA B 42 10.84 6.39 -26.23
N THR B 43 11.03 5.11 -25.86
CA THR B 43 10.90 3.98 -26.77
C THR B 43 9.50 3.50 -26.43
N VAL B 44 8.58 3.65 -27.39
CA VAL B 44 7.19 3.30 -27.18
C VAL B 44 6.62 2.35 -28.24
N TYR B 45 5.95 1.32 -27.75
CA TYR B 45 5.27 0.34 -28.58
C TYR B 45 3.81 0.35 -28.16
N VAL B 46 2.90 0.20 -29.12
CA VAL B 46 1.47 0.20 -28.82
C VAL B 46 0.86 -1.17 -29.13
N ALA B 47 0.37 -1.85 -28.10
CA ALA B 47 -0.22 -3.16 -28.29
C ALA B 47 -1.48 -3.13 -29.15
N ASN B 48 -1.71 -4.23 -29.86
CA ASN B 48 -2.90 -4.41 -30.70
C ASN B 48 -3.47 -5.74 -30.27
N LEU B 49 -4.43 -5.70 -29.35
CA LEU B 49 -5.03 -6.91 -28.82
C LEU B 49 -6.50 -6.94 -29.18
N SER B 50 -7.14 -8.04 -28.84
CA SER B 50 -8.58 -8.19 -29.09
C SER B 50 -9.28 -7.04 -28.35
N GLY B 51 -10.20 -6.37 -29.03
CA GLY B 51 -10.94 -5.28 -28.40
C GLY B 51 -12.01 -5.83 -27.48
N PHE B 52 -12.41 -7.08 -27.72
CA PHE B 52 -13.43 -7.75 -26.92
C PHE B 52 -12.96 -9.17 -26.56
N GLN B 53 -12.59 -9.37 -25.30
CA GLN B 53 -12.15 -10.67 -24.79
C GLN B 53 -11.92 -10.56 -23.28
N SER B 54 -11.72 -11.70 -22.66
CA SER B 54 -11.38 -11.75 -21.24
C SER B 54 -9.88 -11.49 -21.23
N ASP B 55 -9.30 -11.32 -20.05
CA ASP B 55 -7.87 -11.08 -19.95
C ASP B 55 -7.15 -12.39 -19.73
N ASP B 56 -7.77 -13.30 -18.98
CA ASP B 56 -7.17 -14.61 -18.77
C ASP B 56 -7.70 -15.58 -19.83
N GLY B 57 -7.25 -16.83 -19.81
CA GLY B 57 -7.68 -17.80 -20.79
C GLY B 57 -6.74 -17.91 -21.97
N PRO B 58 -6.74 -19.05 -22.68
CA PRO B 58 -5.87 -19.29 -23.84
C PRO B 58 -6.04 -18.26 -24.95
N ASN B 59 -7.28 -17.82 -25.16
CA ASN B 59 -7.58 -16.86 -26.22
C ASN B 59 -7.69 -15.42 -25.70
N GLY B 60 -7.38 -15.24 -24.42
CA GLY B 60 -7.49 -13.93 -23.80
C GLY B 60 -6.46 -12.90 -24.19
N ARG B 61 -6.72 -11.67 -23.75
CA ARG B 61 -5.85 -10.54 -24.02
C ARG B 61 -4.50 -10.62 -23.30
N GLY B 62 -4.49 -11.29 -22.15
CA GLY B 62 -3.26 -11.41 -21.37
C GLY B 62 -2.20 -12.21 -22.11
N GLU B 63 -2.58 -13.34 -22.69
CA GLU B 63 -1.63 -14.17 -23.43
C GLU B 63 -1.19 -13.41 -24.69
N GLN B 64 -2.11 -12.62 -25.27
CA GLN B 64 -1.77 -11.84 -26.44
C GLN B 64 -0.75 -10.77 -26.07
N LEU B 65 -0.93 -10.12 -24.93
CA LEU B 65 0.00 -9.09 -24.51
C LEU B 65 1.35 -9.73 -24.10
N LEU B 66 1.32 -10.90 -23.47
CA LEU B 66 2.57 -11.60 -23.08
C LEU B 66 3.38 -11.87 -24.36
N ALA B 67 2.73 -12.42 -25.38
CA ALA B 67 3.39 -12.70 -26.65
C ALA B 67 3.95 -11.41 -27.25
N TYR B 68 3.18 -10.33 -27.20
CA TYR B 68 3.64 -9.06 -27.76
C TYR B 68 4.84 -8.50 -27.01
N VAL B 69 4.81 -8.60 -25.68
CA VAL B 69 5.90 -8.11 -24.85
C VAL B 69 7.18 -8.79 -25.29
N LYS B 70 7.12 -10.09 -25.49
CA LYS B 70 8.28 -10.85 -25.91
C LYS B 70 8.82 -10.37 -27.28
N THR B 71 7.94 -10.04 -28.21
CA THR B 71 8.40 -9.53 -29.51
C THR B 71 9.06 -8.15 -29.37
N VAL B 72 8.59 -7.33 -28.42
CA VAL B 72 9.14 -6.00 -28.17
C VAL B 72 10.53 -6.14 -27.53
N LEU B 73 10.67 -7.06 -26.61
CA LEU B 73 11.95 -7.29 -25.97
C LEU B 73 12.97 -7.76 -27.03
N ALA B 74 12.53 -8.66 -27.91
CA ALA B 74 13.40 -9.19 -28.96
C ALA B 74 13.86 -8.08 -29.91
N ALA B 75 12.93 -7.24 -30.33
CA ALA B 75 13.22 -6.13 -31.25
C ALA B 75 14.08 -5.00 -30.68
N THR B 76 13.97 -4.75 -29.39
CA THR B 76 14.71 -3.66 -28.75
C THR B 76 16.00 -4.11 -28.05
N GLY B 77 16.07 -5.39 -27.72
CA GLY B 77 17.22 -5.90 -26.98
C GLY B 77 17.04 -5.66 -25.47
N ALA B 78 15.88 -5.12 -25.10
CA ALA B 78 15.59 -4.83 -23.71
C ALA B 78 15.24 -6.11 -22.95
N THR B 79 15.31 -6.05 -21.62
CA THR B 79 15.01 -7.21 -20.79
C THR B 79 13.68 -7.09 -20.06
N LYS B 80 13.17 -5.87 -19.93
CA LYS B 80 11.90 -5.62 -19.26
C LYS B 80 11.17 -4.47 -19.95
N VAL B 81 9.87 -4.34 -19.65
CA VAL B 81 9.04 -3.26 -20.19
C VAL B 81 8.24 -2.59 -19.10
N ASN B 82 7.84 -1.35 -19.36
CA ASN B 82 6.98 -0.58 -18.48
C ASN B 82 5.60 -0.68 -19.13
N LEU B 83 4.65 -1.31 -18.48
CA LEU B 83 3.31 -1.45 -19.04
C LEU B 83 2.42 -0.31 -18.57
N VAL B 84 1.79 0.40 -19.50
CA VAL B 84 0.88 1.51 -19.18
C VAL B 84 -0.45 1.10 -19.83
N GLY B 85 -1.45 0.80 -19.00
CA GLY B 85 -2.72 0.34 -19.53
C GLY B 85 -3.90 1.22 -19.22
N HIS B 86 -4.76 1.41 -20.22
CA HIS B 86 -5.96 2.22 -20.02
C HIS B 86 -7.13 1.26 -19.88
N SER B 87 -7.95 1.48 -18.86
CA SER B 87 -9.14 0.69 -18.64
C SER B 87 -8.79 -0.82 -18.53
N GLN B 88 -9.43 -1.67 -19.32
CA GLN B 88 -9.16 -3.10 -19.25
C GLN B 88 -7.68 -3.41 -19.50
N GLY B 89 -7.02 -2.50 -20.21
CA GLY B 89 -5.60 -2.64 -20.52
C GLY B 89 -4.78 -2.76 -19.23
N GLY B 90 -5.25 -2.12 -18.16
CA GLY B 90 -4.58 -2.21 -16.87
C GLY B 90 -4.71 -3.60 -16.26
N LEU B 91 -5.84 -4.26 -16.51
CA LEU B 91 -6.08 -5.61 -16.02
C LEU B 91 -5.19 -6.56 -16.82
N THR B 92 -5.05 -6.30 -18.13
CA THR B 92 -4.23 -7.12 -19.01
C THR B 92 -2.76 -7.00 -18.57
N SER B 93 -2.36 -5.77 -18.25
CA SER B 93 -1.00 -5.48 -17.80
C SER B 93 -0.71 -6.21 -16.48
N ARG B 94 -1.70 -6.27 -15.58
CA ARG B 94 -1.56 -6.98 -14.31
C ARG B 94 -1.37 -8.47 -14.58
N TYR B 95 -2.05 -9.00 -15.58
CA TYR B 95 -1.92 -10.41 -15.93
C TYR B 95 -0.47 -10.71 -16.31
N VAL B 96 0.10 -9.89 -17.18
CA VAL B 96 1.47 -10.08 -17.62
C VAL B 96 2.46 -9.92 -16.44
N ALA B 97 2.22 -8.94 -15.57
CA ALA B 97 3.10 -8.73 -14.41
C ALA B 97 3.02 -9.91 -13.46
N ALA B 98 1.88 -10.57 -13.41
CA ALA B 98 1.66 -11.71 -12.53
C ALA B 98 2.29 -13.00 -13.05
N VAL B 99 2.12 -13.28 -14.34
CA VAL B 99 2.62 -14.52 -14.93
C VAL B 99 4.07 -14.47 -15.43
N ALA B 100 4.59 -13.27 -15.67
CA ALA B 100 5.96 -13.06 -16.16
C ALA B 100 6.58 -11.86 -15.47
N PRO B 101 6.79 -11.95 -14.14
CA PRO B 101 7.37 -10.83 -13.41
C PRO B 101 8.75 -10.38 -13.89
N ASP B 102 9.53 -11.31 -14.42
CA ASP B 102 10.87 -11.00 -14.92
C ASP B 102 10.88 -10.07 -16.14
N LEU B 103 9.75 -9.99 -16.85
CA LEU B 103 9.67 -9.18 -18.06
C LEU B 103 9.08 -7.79 -17.84
N VAL B 104 8.65 -7.50 -16.61
CA VAL B 104 8.01 -6.23 -16.28
C VAL B 104 8.79 -5.42 -15.23
N ALA B 105 8.91 -4.11 -15.46
CA ALA B 105 9.58 -3.22 -14.51
C ALA B 105 8.56 -2.35 -13.76
N SER B 106 7.42 -2.08 -14.40
CA SER B 106 6.37 -1.27 -13.78
C SER B 106 5.02 -1.52 -14.45
N VAL B 107 3.96 -1.21 -13.72
CA VAL B 107 2.59 -1.34 -14.22
C VAL B 107 1.90 -0.05 -13.79
N THR B 108 1.37 0.68 -14.75
CA THR B 108 0.66 1.92 -14.48
C THR B 108 -0.74 1.69 -15.06
N THR B 109 -1.78 1.98 -14.29
CA THR B 109 -3.12 1.78 -14.79
C THR B 109 -3.85 3.12 -14.80
N ILE B 110 -4.51 3.42 -15.91
CA ILE B 110 -5.24 4.68 -16.10
C ILE B 110 -6.73 4.35 -16.28
N GLY B 111 -7.56 4.76 -15.31
CA GLY B 111 -8.99 4.48 -15.40
C GLY B 111 -9.32 3.01 -15.55
N THR B 112 -8.60 2.17 -14.82
CA THR B 112 -8.78 0.73 -14.89
C THR B 112 -9.77 0.21 -13.88
N PRO B 113 -10.75 -0.61 -14.32
CA PRO B 113 -11.75 -1.16 -13.39
C PRO B 113 -11.23 -2.40 -12.63
N HIS B 114 -10.29 -2.19 -11.71
CA HIS B 114 -9.76 -3.29 -10.90
C HIS B 114 -10.87 -4.03 -10.14
N ARG B 115 -11.92 -3.30 -9.76
CA ARG B 115 -13.04 -3.91 -9.04
C ARG B 115 -14.24 -4.01 -9.96
N GLY B 116 -14.03 -3.85 -11.25
CA GLY B 116 -15.14 -3.95 -12.18
C GLY B 116 -15.88 -2.64 -12.39
N SER B 117 -16.97 -2.72 -13.15
CA SER B 117 -17.79 -1.58 -13.51
C SER B 117 -19.27 -1.80 -13.25
N GLU B 118 -19.88 -0.82 -12.59
CA GLU B 118 -21.31 -0.87 -12.31
C GLU B 118 -22.05 -0.76 -13.64
N PHE B 119 -21.41 -0.15 -14.62
CA PHE B 119 -22.03 -0.01 -15.93
C PHE B 119 -22.06 -1.38 -16.65
N ALA B 120 -21.02 -2.19 -16.45
CA ALA B 120 -20.99 -3.54 -17.01
C ALA B 120 -22.07 -4.37 -16.33
N ASP B 121 -22.21 -4.20 -15.01
CA ASP B 121 -23.24 -4.90 -14.23
C ASP B 121 -24.61 -4.57 -14.82
N PHE B 122 -24.79 -3.29 -15.10
CA PHE B 122 -26.04 -2.75 -15.66
C PHE B 122 -26.35 -3.39 -17.03
N VAL B 123 -25.39 -3.38 -17.95
CA VAL B 123 -25.58 -3.94 -19.28
C VAL B 123 -25.87 -5.44 -19.21
N GLN B 124 -25.18 -6.16 -18.33
CA GLN B 124 -25.41 -7.59 -18.15
C GLN B 124 -26.82 -7.81 -17.61
N GLY B 125 -27.24 -6.93 -16.71
CA GLY B 125 -28.58 -7.05 -16.14
C GLY B 125 -29.65 -6.83 -17.17
N VAL B 126 -29.44 -5.86 -18.06
CA VAL B 126 -30.39 -5.53 -19.11
C VAL B 126 -30.57 -6.75 -20.04
N LEU B 127 -29.47 -7.43 -20.37
CA LEU B 127 -29.53 -8.62 -21.21
C LEU B 127 -30.31 -9.77 -20.54
N ALA B 128 -30.24 -9.84 -19.21
CA ALA B 128 -30.92 -10.88 -18.44
C ALA B 128 -32.45 -10.72 -18.47
N TYR B 129 -32.91 -9.53 -18.84
CA TYR B 129 -34.33 -9.26 -18.94
C TYR B 129 -34.96 -9.82 -20.20
N ASP B 130 -34.13 -10.36 -21.09
CA ASP B 130 -34.66 -11.01 -22.29
C ASP B 130 -34.74 -12.47 -21.88
N PRO B 131 -35.96 -12.97 -21.62
CA PRO B 131 -36.13 -14.37 -21.20
C PRO B 131 -35.79 -15.41 -22.27
N THR B 132 -35.65 -14.98 -23.51
CA THR B 132 -35.29 -15.91 -24.59
C THR B 132 -33.76 -15.98 -24.71
N GLY B 133 -33.08 -14.95 -24.21
CA GLY B 133 -31.64 -14.86 -24.28
C GLY B 133 -31.11 -14.54 -25.67
N LEU B 134 -32.00 -14.37 -26.64
CA LEU B 134 -31.59 -14.10 -28.01
C LEU B 134 -30.88 -12.77 -28.21
N SER B 135 -31.17 -11.78 -27.37
CA SER B 135 -30.53 -10.48 -27.51
C SER B 135 -29.05 -10.55 -27.19
N SER B 136 -28.64 -11.50 -26.33
CA SER B 136 -27.24 -11.66 -25.99
C SER B 136 -26.49 -12.13 -27.24
N THR B 137 -27.06 -13.10 -27.95
CA THR B 137 -26.47 -13.63 -29.18
C THR B 137 -26.47 -12.55 -30.28
N VAL B 138 -27.61 -11.86 -30.44
CA VAL B 138 -27.73 -10.83 -31.47
C VAL B 138 -26.80 -9.63 -31.25
N ILE B 139 -26.80 -9.08 -30.04
CA ILE B 139 -25.95 -7.93 -29.77
C ILE B 139 -24.47 -8.30 -29.76
N ALA B 140 -24.14 -9.52 -29.33
CA ALA B 140 -22.75 -9.99 -29.35
C ALA B 140 -22.26 -10.02 -30.79
N ALA B 141 -23.11 -10.46 -31.72
CA ALA B 141 -22.75 -10.50 -33.13
C ALA B 141 -22.43 -9.10 -33.64
N PHE B 142 -23.22 -8.10 -33.24
CA PHE B 142 -22.96 -6.73 -33.70
C PHE B 142 -21.65 -6.21 -33.17
N VAL B 143 -21.40 -6.45 -31.89
CA VAL B 143 -20.19 -5.97 -31.23
C VAL B 143 -18.95 -6.70 -31.73
N ASN B 144 -19.06 -8.02 -31.93
CA ASN B 144 -17.95 -8.80 -32.44
C ASN B 144 -17.59 -8.36 -33.87
N VAL B 145 -18.58 -8.11 -34.72
CA VAL B 145 -18.29 -7.65 -36.07
C VAL B 145 -17.65 -6.26 -36.01
N PHE B 146 -18.14 -5.41 -35.10
CA PHE B 146 -17.57 -4.07 -34.93
C PHE B 146 -16.09 -4.23 -34.56
N GLY B 147 -15.77 -5.20 -33.69
CA GLY B 147 -14.39 -5.44 -33.31
C GLY B 147 -13.54 -5.83 -34.52
N ILE B 148 -14.05 -6.75 -35.33
CA ILE B 148 -13.35 -7.25 -36.52
C ILE B 148 -13.08 -6.13 -37.52
N LEU B 149 -14.09 -5.30 -37.78
CA LEU B 149 -13.98 -4.19 -38.72
C LEU B 149 -13.09 -3.05 -38.26
N THR B 150 -13.04 -2.78 -36.96
CA THR B 150 -12.24 -1.66 -36.46
C THR B 150 -10.81 -2.04 -36.08
N SER B 151 -10.58 -3.31 -35.79
CA SER B 151 -9.25 -3.78 -35.43
C SER B 151 -8.32 -3.48 -36.60
N SER B 152 -7.16 -2.89 -36.33
CA SER B 152 -6.19 -2.56 -37.38
C SER B 152 -5.77 -3.77 -38.23
N SER B 153 -5.84 -4.95 -37.62
CA SER B 153 -5.47 -6.20 -38.28
C SER B 153 -6.68 -7.09 -38.56
N ASN B 154 -7.87 -6.54 -38.39
CA ASN B 154 -9.13 -7.27 -38.57
C ASN B 154 -9.15 -8.59 -37.78
N ASN B 155 -8.62 -8.51 -36.56
CA ASN B 155 -8.53 -9.62 -35.60
C ASN B 155 -9.94 -10.21 -35.41
N THR B 156 -10.08 -11.50 -35.70
CA THR B 156 -11.37 -12.18 -35.58
C THR B 156 -11.63 -12.79 -34.19
N ASN B 157 -10.63 -12.73 -33.33
CA ASN B 157 -10.77 -13.25 -31.97
C ASN B 157 -11.44 -12.14 -31.18
N GLN B 158 -12.76 -12.04 -31.31
CA GLN B 158 -13.57 -11.05 -30.61
C GLN B 158 -14.67 -11.82 -29.88
N ASP B 159 -14.83 -11.54 -28.59
CA ASP B 159 -15.83 -12.20 -27.76
C ASP B 159 -16.41 -11.17 -26.80
N ALA B 160 -17.43 -10.48 -27.29
CA ALA B 160 -18.14 -9.43 -26.58
C ALA B 160 -18.74 -9.90 -25.26
N LEU B 161 -19.35 -11.08 -25.26
CA LEU B 161 -19.95 -11.57 -24.01
C LEU B 161 -18.88 -11.84 -22.96
N ALA B 162 -17.72 -12.36 -23.38
CA ALA B 162 -16.63 -12.62 -22.46
C ALA B 162 -16.08 -11.29 -21.90
N ALA B 163 -15.98 -10.27 -22.77
CA ALA B 163 -15.49 -8.95 -22.35
C ALA B 163 -16.45 -8.32 -21.33
N LEU B 164 -17.76 -8.43 -21.58
CA LEU B 164 -18.79 -7.90 -20.68
C LEU B 164 -18.70 -8.59 -19.33
N LYS B 165 -18.64 -9.93 -19.33
CA LYS B 165 -18.56 -10.70 -18.09
C LYS B 165 -17.31 -10.31 -17.30
N THR B 166 -16.19 -10.14 -18.00
CA THR B 166 -14.92 -9.78 -17.40
C THR B 166 -14.95 -8.47 -16.62
N LEU B 167 -15.70 -7.51 -17.14
CA LEU B 167 -15.80 -6.18 -16.55
C LEU B 167 -16.85 -5.99 -15.46
N THR B 168 -17.63 -7.03 -15.17
CA THR B 168 -18.65 -6.94 -14.11
C THR B 168 -17.93 -6.94 -12.76
N THR B 169 -18.57 -6.36 -11.74
CA THR B 169 -17.95 -6.31 -10.40
C THR B 169 -17.73 -7.69 -9.78
N ALA B 170 -18.68 -8.60 -9.96
CA ALA B 170 -18.55 -9.95 -9.42
C ALA B 170 -17.38 -10.71 -10.06
N GLN B 171 -17.24 -10.58 -11.38
CA GLN B 171 -16.16 -11.27 -12.08
C GLN B 171 -14.81 -10.65 -11.78
N ALA B 172 -14.76 -9.33 -11.64
CA ALA B 172 -13.49 -8.66 -11.33
C ALA B 172 -12.99 -9.10 -9.95
N ALA B 173 -13.90 -9.41 -9.04
CA ALA B 173 -13.52 -9.87 -7.70
C ALA B 173 -12.84 -11.23 -7.81
N THR B 174 -13.36 -12.09 -8.69
CA THR B 174 -12.79 -13.40 -8.93
C THR B 174 -11.41 -13.24 -9.60
N TYR B 175 -11.31 -12.32 -10.55
CA TYR B 175 -10.05 -12.04 -11.24
C TYR B 175 -8.98 -11.64 -10.23
N ASN B 176 -9.33 -10.81 -9.26
CA ASN B 176 -8.38 -10.36 -8.24
C ASN B 176 -7.91 -11.52 -7.33
N GLN B 177 -8.78 -12.50 -7.10
CA GLN B 177 -8.43 -13.67 -6.29
C GLN B 177 -7.46 -14.55 -7.08
N ASN B 178 -7.71 -14.67 -8.38
CA ASN B 178 -6.89 -15.49 -9.29
C ASN B 178 -5.56 -14.81 -9.63
N TYR B 179 -5.57 -13.49 -9.71
CA TYR B 179 -4.37 -12.73 -10.02
C TYR B 179 -4.17 -11.62 -8.99
N PRO B 180 -3.78 -11.99 -7.76
CA PRO B 180 -3.57 -10.96 -6.73
C PRO B 180 -2.37 -10.07 -7.00
N SER B 181 -2.33 -8.94 -6.31
CA SER B 181 -1.23 -8.01 -6.45
C SER B 181 -1.06 -7.27 -5.14
N ALA B 182 0.19 -6.95 -4.81
CA ALA B 182 0.49 -6.19 -3.61
C ALA B 182 -0.05 -4.76 -3.78
N GLY B 183 -0.30 -4.35 -5.02
CA GLY B 183 -0.82 -3.02 -5.30
C GLY B 183 -2.31 -2.84 -5.05
N LEU B 184 -3.01 -3.91 -4.72
CA LEU B 184 -4.45 -3.85 -4.48
C LEU B 184 -4.79 -3.91 -3.00
N GLY B 185 -5.69 -3.04 -2.56
CA GLY B 185 -6.13 -3.08 -1.18
C GLY B 185 -7.22 -4.14 -1.02
N ALA B 186 -7.83 -4.19 0.17
CA ALA B 186 -8.87 -5.17 0.45
C ALA B 186 -10.16 -4.90 -0.33
N PRO B 187 -10.81 -5.96 -0.83
CA PRO B 187 -12.05 -5.76 -1.57
C PRO B 187 -13.06 -5.00 -0.70
N GLY B 188 -13.76 -4.05 -1.30
CA GLY B 188 -14.75 -3.27 -0.60
C GLY B 188 -14.27 -2.18 0.33
N SER B 189 -12.97 -1.94 0.37
CA SER B 189 -12.41 -0.94 1.27
C SER B 189 -12.11 0.40 0.63
N CYS B 190 -12.20 0.48 -0.69
CA CYS B 190 -11.87 1.71 -1.42
C CYS B 190 -10.47 2.20 -1.02
N GLN B 191 -9.53 1.27 -0.92
CA GLN B 191 -8.15 1.59 -0.59
C GLN B 191 -7.25 0.97 -1.64
N THR B 192 -6.10 1.56 -1.85
CA THR B 192 -5.12 1.01 -2.76
C THR B 192 -4.25 0.08 -1.89
N GLY B 193 -3.24 -0.53 -2.49
CA GLY B 193 -2.33 -1.39 -1.76
C GLY B 193 -0.96 -0.71 -1.64
N ALA B 194 0.09 -1.48 -1.88
CA ALA B 194 1.48 -1.01 -1.79
C ALA B 194 1.97 -0.38 -3.10
N PRO B 195 2.98 0.52 -3.04
CA PRO B 195 3.50 1.15 -4.27
C PRO B 195 4.40 0.23 -5.10
N THR B 196 4.77 -0.93 -4.54
CA THR B 196 5.61 -1.87 -5.29
C THR B 196 5.24 -3.30 -4.96
N GLU B 197 5.70 -4.23 -5.80
CA GLU B 197 5.50 -5.65 -5.53
C GLU B 197 6.82 -6.32 -5.86
N THR B 198 7.24 -7.22 -4.99
CA THR B 198 8.49 -7.95 -5.19
C THR B 198 8.24 -9.45 -5.12
N VAL B 199 8.63 -10.15 -6.13
CA VAL B 199 8.63 -11.61 -6.20
C VAL B 199 10.04 -12.13 -6.50
N GLY B 200 10.65 -12.71 -5.53
CA GLY B 200 12.02 -13.14 -5.72
C GLY B 200 12.92 -11.95 -6.01
N GLY B 201 13.60 -11.99 -7.14
CA GLY B 201 14.48 -10.91 -7.50
C GLY B 201 13.82 -9.83 -8.34
N ASN B 202 12.52 -9.98 -8.58
CA ASN B 202 11.78 -9.03 -9.41
C ASN B 202 10.97 -8.03 -8.60
N THR B 203 11.16 -6.75 -8.84
CA THR B 203 10.41 -5.69 -8.18
C THR B 203 9.74 -4.87 -9.27
N HIS B 204 8.44 -4.62 -9.09
CA HIS B 204 7.63 -3.84 -10.02
C HIS B 204 7.19 -2.57 -9.33
N LEU B 205 7.29 -1.44 -10.04
CA LEU B 205 6.83 -0.18 -9.51
C LEU B 205 5.36 -0.09 -9.96
N LEU B 206 4.43 0.11 -9.04
CA LEU B 206 3.01 0.11 -9.38
C LEU B 206 2.40 1.52 -9.24
N TYR B 207 1.66 1.95 -10.26
CA TYR B 207 1.04 3.28 -10.24
C TYR B 207 -0.37 3.27 -10.83
N SER B 208 -1.13 4.31 -10.52
CA SER B 208 -2.47 4.46 -11.08
C SER B 208 -2.99 5.88 -10.94
N TRP B 209 -3.95 6.20 -11.80
CA TRP B 209 -4.68 7.45 -11.70
C TRP B 209 -6.06 7.21 -12.25
N ALA B 210 -6.97 8.08 -11.87
CA ALA B 210 -8.35 7.95 -12.26
C ALA B 210 -8.90 9.30 -12.69
N GLY B 211 -9.92 9.25 -13.52
CA GLY B 211 -10.61 10.43 -13.96
C GLY B 211 -11.91 10.48 -13.17
N THR B 212 -12.22 11.63 -12.58
CA THR B 212 -13.44 11.77 -11.80
C THR B 212 -14.27 12.99 -12.24
N ALA B 213 -14.42 13.15 -13.56
CA ALA B 213 -15.23 14.24 -14.10
C ALA B 213 -16.69 14.16 -13.64
N ILE B 214 -17.23 12.94 -13.60
CA ILE B 214 -18.63 12.74 -13.25
C ILE B 214 -18.78 12.64 -11.73
N GLN B 215 -19.32 13.71 -11.14
CA GLN B 215 -19.51 13.81 -9.70
C GLN B 215 -20.98 13.82 -9.29
N PRO B 216 -21.35 13.03 -8.27
CA PRO B 216 -22.74 13.02 -7.82
C PRO B 216 -22.93 14.38 -7.12
N THR B 217 -23.94 15.15 -7.50
CA THR B 217 -24.11 16.47 -6.90
C THR B 217 -25.47 16.80 -6.28
N ILE B 218 -26.47 15.96 -6.52
CA ILE B 218 -27.80 16.19 -5.97
C ILE B 218 -28.57 14.89 -5.86
N SER B 219 -29.33 14.75 -4.78
CA SER B 219 -30.15 13.56 -4.56
C SER B 219 -31.55 14.06 -4.25
N VAL B 220 -32.51 13.69 -5.10
CA VAL B 220 -33.91 14.07 -4.95
C VAL B 220 -34.76 12.82 -5.18
N PHE B 221 -35.59 12.45 -4.22
CA PHE B 221 -36.50 11.33 -4.31
C PHE B 221 -35.80 10.02 -4.66
N GLY B 222 -34.64 9.75 -4.06
CA GLY B 222 -33.92 8.52 -4.31
C GLY B 222 -33.14 8.46 -5.61
N VAL B 223 -33.21 9.54 -6.39
CA VAL B 223 -32.51 9.62 -7.66
C VAL B 223 -31.34 10.58 -7.50
N THR B 224 -30.18 10.16 -8.00
CA THR B 224 -28.98 10.98 -7.92
C THR B 224 -28.63 11.61 -9.27
N GLY B 225 -28.45 12.93 -9.26
CA GLY B 225 -28.08 13.64 -10.46
C GLY B 225 -26.59 13.88 -10.40
N ALA B 226 -25.95 13.94 -11.56
CA ALA B 226 -24.52 14.15 -11.60
C ALA B 226 -24.18 15.42 -12.36
N THR B 227 -22.92 15.82 -12.27
CA THR B 227 -22.41 16.99 -12.95
C THR B 227 -21.09 16.60 -13.62
N ASP B 228 -20.93 16.96 -14.88
CA ASP B 228 -19.70 16.70 -15.61
C ASP B 228 -18.80 17.91 -15.32
N THR B 229 -17.91 17.74 -14.36
CA THR B 229 -17.00 18.78 -13.93
C THR B 229 -15.86 19.07 -14.90
N SER B 230 -15.75 18.28 -15.95
CA SER B 230 -14.71 18.51 -16.94
C SER B 230 -15.11 19.69 -17.83
N THR B 231 -16.40 20.02 -17.83
CA THR B 231 -16.92 21.07 -18.71
C THR B 231 -17.40 22.36 -18.04
N ILE B 232 -17.35 23.46 -18.80
CA ILE B 232 -17.92 24.72 -18.33
C ILE B 232 -19.41 24.34 -18.53
N PRO B 233 -20.25 24.47 -17.48
CA PRO B 233 -21.67 24.10 -17.57
C PRO B 233 -22.40 24.45 -18.87
N LEU B 234 -22.90 23.39 -19.50
CA LEU B 234 -23.68 23.39 -20.75
C LEU B 234 -23.03 23.90 -22.04
N VAL B 235 -22.48 25.11 -21.97
CA VAL B 235 -21.88 25.80 -23.11
C VAL B 235 -20.51 25.30 -23.64
N ASP B 236 -19.88 24.39 -22.91
CA ASP B 236 -18.57 23.88 -23.32
C ASP B 236 -18.60 23.23 -24.72
N PRO B 237 -17.71 23.67 -25.63
CA PRO B 237 -17.64 23.12 -26.99
C PRO B 237 -17.36 21.63 -27.03
N ALA B 238 -16.80 21.09 -25.95
CA ALA B 238 -16.51 19.65 -25.89
C ALA B 238 -17.79 18.83 -25.98
N ASN B 239 -18.91 19.41 -25.53
CA ASN B 239 -20.19 18.72 -25.61
C ASN B 239 -20.65 18.64 -27.06
N ALA B 240 -20.18 19.56 -27.90
CA ALA B 240 -20.55 19.59 -29.32
C ALA B 240 -19.59 18.84 -30.24
N LEU B 241 -18.30 19.02 -29.99
CA LEU B 241 -17.26 18.45 -30.83
C LEU B 241 -16.82 17.03 -30.51
N ASP B 242 -17.16 16.56 -29.32
CA ASP B 242 -16.81 15.20 -28.94
C ASP B 242 -18.05 14.53 -28.41
N PRO B 243 -18.64 13.62 -29.20
CA PRO B 243 -19.86 12.91 -28.79
C PRO B 243 -19.73 12.05 -27.53
N SER B 244 -18.51 11.69 -27.15
CA SER B 244 -18.33 10.88 -25.95
C SER B 244 -18.46 11.69 -24.66
N THR B 245 -18.40 13.02 -24.76
CA THR B 245 -18.49 13.85 -23.56
C THR B 245 -19.87 13.65 -22.93
N LEU B 246 -20.93 13.87 -23.71
CA LEU B 246 -22.28 13.72 -23.18
C LEU B 246 -22.64 12.25 -22.97
N ALA B 247 -22.10 11.37 -23.80
CA ALA B 247 -22.36 9.94 -23.66
C ALA B 247 -21.86 9.44 -22.32
N LEU B 248 -20.65 9.86 -21.93
CA LEU B 248 -20.05 9.43 -20.67
C LEU B 248 -20.72 10.10 -19.46
N PHE B 249 -21.28 11.27 -19.67
CA PHE B 249 -22.00 11.93 -18.58
C PHE B 249 -23.29 11.09 -18.36
N GLY B 250 -23.87 10.60 -19.46
CA GLY B 250 -25.07 9.78 -19.36
C GLY B 250 -24.80 8.43 -18.70
N THR B 251 -23.72 7.77 -19.10
CA THR B 251 -23.39 6.48 -18.51
C THR B 251 -22.95 6.73 -17.07
N GLY B 252 -22.30 7.86 -16.83
CA GLY B 252 -21.84 8.24 -15.50
C GLY B 252 -23.02 8.49 -14.56
N THR B 253 -24.16 8.89 -15.11
CA THR B 253 -25.37 9.11 -14.30
C THR B 253 -25.92 7.74 -13.88
N VAL B 254 -25.90 6.76 -14.77
CA VAL B 254 -26.35 5.41 -14.43
C VAL B 254 -25.41 4.91 -13.31
N MET B 255 -24.12 5.16 -13.47
CA MET B 255 -23.11 4.76 -12.49
C MET B 255 -23.45 5.28 -11.07
N VAL B 256 -23.66 6.60 -10.93
CA VAL B 256 -23.96 7.17 -9.61
C VAL B 256 -25.26 6.63 -9.01
N ASN B 257 -26.20 6.25 -9.87
CA ASN B 257 -27.46 5.68 -9.41
C ASN B 257 -27.34 4.20 -9.08
N ARG B 258 -26.15 3.65 -9.28
CA ARG B 258 -25.86 2.26 -8.96
C ARG B 258 -24.81 2.24 -7.83
N GLY B 259 -24.71 3.37 -7.13
CA GLY B 259 -23.80 3.50 -6.01
C GLY B 259 -22.30 3.58 -6.26
N SER B 260 -21.91 4.01 -7.44
CA SER B 260 -20.50 4.09 -7.78
C SER B 260 -19.72 5.24 -7.17
N GLY B 261 -20.40 6.35 -6.91
CA GLY B 261 -19.71 7.52 -6.40
C GLY B 261 -19.08 8.17 -7.63
N GLN B 262 -18.16 9.10 -7.40
CA GLN B 262 -17.50 9.80 -8.49
C GLN B 262 -16.87 8.80 -9.46
N ASN B 263 -16.96 9.12 -10.76
CA ASN B 263 -16.46 8.20 -11.77
C ASN B 263 -16.10 8.93 -13.07
N ASP B 264 -15.60 8.19 -14.05
CA ASP B 264 -15.20 8.78 -15.32
C ASP B 264 -16.23 8.47 -16.42
N GLY B 265 -17.38 7.93 -16.02
CA GLY B 265 -18.40 7.57 -16.98
C GLY B 265 -18.66 6.08 -16.92
N VAL B 266 -17.62 5.29 -16.70
CA VAL B 266 -17.77 3.82 -16.64
C VAL B 266 -16.89 3.14 -15.58
N VAL B 267 -15.97 3.89 -14.96
CA VAL B 267 -15.09 3.32 -13.92
C VAL B 267 -15.11 4.25 -12.70
N SER B 268 -15.44 3.71 -11.53
CA SER B 268 -15.49 4.50 -10.31
C SER B 268 -14.10 4.78 -9.76
N LYS B 269 -13.98 5.81 -8.94
CA LYS B 269 -12.72 6.16 -8.31
C LYS B 269 -12.21 4.97 -7.52
N CYS B 270 -13.06 4.36 -6.68
CA CYS B 270 -12.65 3.21 -5.88
C CYS B 270 -12.18 2.04 -6.72
N SER B 271 -12.84 1.81 -7.86
CA SER B 271 -12.47 0.70 -8.72
C SER B 271 -11.09 0.91 -9.36
N ALA B 272 -10.72 2.17 -9.60
CA ALA B 272 -9.46 2.50 -10.26
C ALA B 272 -8.20 2.48 -9.38
N LEU B 273 -8.36 2.35 -8.07
CA LEU B 273 -7.21 2.39 -7.16
C LEU B 273 -6.24 1.22 -7.26
N TYR B 274 -4.97 1.52 -7.48
CA TYR B 274 -3.93 0.50 -7.61
C TYR B 274 -2.53 1.07 -7.39
N GLY B 275 -1.71 0.37 -6.61
CA GLY B 275 -0.34 0.82 -6.35
C GLY B 275 -0.28 2.23 -5.80
N GLN B 276 0.69 3.00 -6.29
CA GLN B 276 0.83 4.38 -5.86
C GLN B 276 -0.19 5.16 -6.65
N VAL B 277 -1.23 5.64 -5.97
CA VAL B 277 -2.29 6.41 -6.60
C VAL B 277 -1.80 7.86 -6.75
N LEU B 278 -1.40 8.23 -7.97
CA LEU B 278 -0.87 9.54 -8.26
C LEU B 278 -1.93 10.65 -8.18
N SER B 279 -3.16 10.33 -8.60
CA SER B 279 -4.28 11.26 -8.56
C SER B 279 -5.59 10.59 -8.92
N THR B 280 -6.67 11.07 -8.30
CA THR B 280 -8.02 10.61 -8.61
C THR B 280 -8.85 11.89 -8.76
N SER B 281 -8.15 13.00 -8.95
CA SER B 281 -8.76 14.32 -9.03
C SER B 281 -8.91 14.91 -10.42
N TYR B 282 -8.33 14.26 -11.41
CA TYR B 282 -8.42 14.76 -12.79
C TYR B 282 -9.88 14.89 -13.19
N LYS B 283 -10.23 16.03 -13.75
CA LYS B 283 -11.61 16.28 -14.20
C LYS B 283 -11.71 15.74 -15.62
N TRP B 284 -11.63 14.42 -15.70
CA TRP B 284 -11.66 13.69 -16.98
C TRP B 284 -12.71 12.61 -17.02
N ASN B 285 -13.29 12.44 -18.19
CA ASN B 285 -14.19 11.33 -18.39
C ASN B 285 -13.26 10.21 -18.92
N HIS B 286 -13.82 9.03 -19.17
CA HIS B 286 -13.07 7.84 -19.59
C HIS B 286 -12.20 7.98 -20.85
N LEU B 287 -12.71 8.72 -21.84
CA LEU B 287 -11.94 8.92 -23.06
C LEU B 287 -10.95 10.08 -22.98
N ASP B 288 -11.19 11.04 -22.08
CA ASP B 288 -10.24 12.15 -21.90
C ASP B 288 -8.87 11.59 -21.45
N GLU B 289 -8.93 10.50 -20.68
CA GLU B 289 -7.75 9.81 -20.15
C GLU B 289 -6.79 9.41 -21.25
N ILE B 290 -7.31 9.13 -22.45
CA ILE B 290 -6.47 8.75 -23.59
C ILE B 290 -6.49 9.81 -24.72
N ASN B 291 -6.74 11.06 -24.33
CA ASN B 291 -6.76 12.20 -25.25
C ASN B 291 -7.78 12.03 -26.39
N GLN B 292 -8.94 11.46 -26.07
CA GLN B 292 -9.99 11.20 -27.07
C GLN B 292 -11.25 12.02 -26.70
N LEU B 293 -12.16 12.24 -27.64
CA LEU B 293 -12.00 11.90 -29.05
C LEU B 293 -11.26 13.01 -29.82
N LEU B 294 -10.20 12.60 -30.52
CA LEU B 294 -9.38 13.48 -31.32
C LEU B 294 -8.83 14.71 -30.57
N GLY B 295 -8.41 14.49 -29.33
CA GLY B 295 -7.83 15.55 -28.53
C GLY B 295 -8.79 16.54 -27.87
N VAL B 296 -10.08 16.32 -28.05
CA VAL B 296 -11.09 17.22 -27.48
C VAL B 296 -11.40 16.87 -26.03
N ARG B 297 -11.37 17.88 -25.17
CA ARG B 297 -11.68 17.70 -23.76
C ARG B 297 -12.34 18.98 -23.22
N GLY B 298 -13.11 18.82 -22.16
CA GLY B 298 -13.77 19.96 -21.53
C GLY B 298 -12.77 21.00 -21.06
N ALA B 299 -13.25 22.22 -20.86
CA ALA B 299 -12.38 23.31 -20.45
C ALA B 299 -11.71 23.16 -19.10
N ASN B 300 -12.27 22.33 -18.22
CA ASN B 300 -11.69 22.16 -16.89
C ASN B 300 -10.79 20.94 -16.80
N ALA B 301 -10.71 20.19 -17.89
CA ALA B 301 -9.91 18.99 -17.94
C ALA B 301 -8.43 19.28 -18.14
N GLU B 302 -7.60 18.57 -17.38
CA GLU B 302 -6.15 18.70 -17.48
C GLU B 302 -5.70 18.08 -18.81
N ASP B 303 -4.48 18.41 -19.22
CA ASP B 303 -3.91 17.89 -20.46
C ASP B 303 -3.42 16.45 -20.21
N PRO B 304 -4.07 15.45 -20.85
CA PRO B 304 -3.69 14.05 -20.66
C PRO B 304 -2.35 13.70 -21.32
N VAL B 305 -2.00 14.41 -22.38
CA VAL B 305 -0.73 14.15 -23.08
C VAL B 305 0.40 14.53 -22.11
N ALA B 306 0.27 15.71 -21.47
CA ALA B 306 1.24 16.20 -20.51
C ALA B 306 1.35 15.30 -19.28
N VAL B 307 0.21 14.78 -18.80
CA VAL B 307 0.19 13.90 -17.63
C VAL B 307 0.93 12.59 -17.91
N ILE B 308 0.67 11.99 -19.07
CA ILE B 308 1.33 10.75 -19.45
C ILE B 308 2.85 11.00 -19.65
N ARG B 309 3.20 12.13 -20.26
CA ARG B 309 4.60 12.48 -20.51
C ARG B 309 5.35 12.66 -19.19
N THR B 310 4.73 13.37 -18.25
CA THR B 310 5.32 13.62 -16.95
C THR B 310 5.49 12.28 -16.23
N HIS B 311 4.58 11.34 -16.49
CA HIS B 311 4.70 10.02 -15.86
C HIS B 311 5.89 9.26 -16.46
N ALA B 312 6.10 9.38 -17.77
CA ALA B 312 7.23 8.73 -18.41
C ALA B 312 8.50 9.26 -17.72
N ASN B 313 8.53 10.57 -17.43
CA ASN B 313 9.68 11.14 -16.74
C ASN B 313 9.79 10.59 -15.31
N ARG B 314 8.65 10.41 -14.63
CA ARG B 314 8.61 9.88 -13.27
C ARG B 314 9.24 8.48 -13.27
N LEU B 315 8.89 7.67 -14.27
CA LEU B 315 9.42 6.32 -14.42
C LEU B 315 10.93 6.39 -14.65
N LYS B 316 11.36 7.32 -15.49
CA LYS B 316 12.79 7.50 -15.77
C LYS B 316 13.55 7.83 -14.48
N LEU B 317 13.02 8.78 -13.72
CA LEU B 317 13.64 9.19 -12.47
C LEU B 317 13.65 8.07 -11.44
N ALA B 318 12.68 7.17 -11.53
CA ALA B 318 12.56 6.03 -10.60
C ALA B 318 13.49 4.88 -10.98
N GLY B 319 14.18 5.02 -12.11
CA GLY B 319 15.13 4.01 -12.52
C GLY B 319 14.60 2.97 -13.48
N VAL B 320 13.37 3.11 -13.97
CA VAL B 320 12.86 2.13 -14.91
C VAL B 320 12.71 2.73 -16.31
#